data_5ZVU
#
_entry.id   5ZVU
#
_cell.length_a   36.140
_cell.length_b   91.790
_cell.length_c   111.690
_cell.angle_alpha   90.00
_cell.angle_beta   90.00
_cell.angle_gamma   90.00
#
_symmetry.space_group_name_H-M   'P 21 21 21'
#
loop_
_entity.id
_entity.type
_entity.pdbx_description
1 polymer 'Mannose-6-phosphate isomerase'
2 non-polymer 'ZINC ION'
3 non-polymer 1,2-ETHANEDIOL
4 water water
#
_entity_poly.entity_id   1
_entity_poly.type   'polypeptide(L)'
_entity_poly.pdbx_seq_one_letter_code
;SMQKLINSVQNYAWGSKTALTELYGIANPQQQPMAELWMGAHPKSSSRITTANGETVSLRDAIEKNKTAMLGEAVANRFG
ELPFLFKVLCAAQPLSIQVHPNKRNSEIGFAKENAAGIPMDAAERNYKDPNHAPELVFALTPFLAMNAFREFSDIVSLLQ
PVAGAHSAIAHFLQVPNAERLSQLFASLLNMQGEEKSRALAVLKAALNSQQGEPWQTIRVISEYYPDDSGLFSPLLLNVV
KLNPGEAMFLFAETPHAYLQGVALEVMANSDNVLRAGLTPKYIDIPELVANVKFEPKPAGELLTAPVKSGAELDFPIPVD
DFAFSLHDLALQETSIGQHSAAILFCVEGEAVLRKDEQRLVLKPGESAFIGADESPVNASGTGRLARVYNKL
;
_entity_poly.pdbx_strand_id   A
#
loop_
_chem_comp.id
_chem_comp.type
_chem_comp.name
_chem_comp.formula
EDO non-polymer 1,2-ETHANEDIOL 'C2 H6 O2'
ZN non-polymer 'ZINC ION' 'Zn 2'
#
# COMPACT_ATOMS: atom_id res chain seq x y z
N SER A 1 -8.97 -29.17 2.82
CA SER A 1 -9.18 -28.44 1.50
C SER A 1 -8.95 -26.93 1.61
N MET A 2 -9.60 -26.34 2.61
CA MET A 2 -9.58 -24.91 2.85
C MET A 2 -8.92 -24.77 4.21
N GLN A 3 -7.86 -23.99 4.29
CA GLN A 3 -7.07 -23.93 5.54
C GLN A 3 -7.18 -22.55 6.17
N LYS A 4 -7.78 -22.54 7.35
CA LYS A 4 -7.96 -21.29 8.05
C LYS A 4 -6.58 -20.79 8.46
N LEU A 5 -6.34 -19.49 8.23
CA LEU A 5 -5.00 -18.96 8.44
C LEU A 5 -4.77 -18.38 9.84
N ILE A 6 -3.60 -18.71 10.35
CA ILE A 6 -3.03 -18.08 11.52
C ILE A 6 -2.02 -17.06 11.01
N ASN A 7 -2.23 -15.78 11.37
CA ASN A 7 -1.54 -14.69 10.71
C ASN A 7 -0.77 -13.83 11.70
N SER A 8 0.39 -13.35 11.26
CA SER A 8 1.27 -12.53 12.02
C SER A 8 0.79 -11.08 12.06
N VAL A 9 0.88 -10.48 13.25
CA VAL A 9 0.65 -9.06 13.40
C VAL A 9 1.96 -8.36 13.66
N GLN A 10 2.33 -7.43 12.79
CA GLN A 10 3.54 -6.63 13.00
C GLN A 10 3.20 -5.52 13.96
N ASN A 11 3.88 -5.43 15.10
CA ASN A 11 3.63 -4.33 16.02
C ASN A 11 4.62 -3.18 15.83
N TYR A 12 4.62 -2.60 14.64
CA TYR A 12 5.43 -1.39 14.41
C TYR A 12 4.86 -0.24 15.23
N ALA A 13 5.73 0.64 15.70
CA ALA A 13 5.33 1.75 16.60
C ALA A 13 4.21 2.64 16.07
N TRP A 14 4.10 2.71 14.75
CA TRP A 14 3.08 3.47 14.09
C TRP A 14 1.71 2.85 14.02
N GLY A 15 1.52 1.64 14.52
CA GLY A 15 0.23 0.97 14.36
C GLY A 15 -0.81 1.40 15.39
N SER A 16 -2.07 1.24 15.05
CA SER A 16 -3.18 1.46 16.02
C SER A 16 -3.18 0.49 17.13
N LYS A 17 -3.52 0.96 18.31
CA LYS A 17 -3.66 0.10 19.45
C LYS A 17 -5.02 -0.56 19.45
N THR A 18 -5.97 -0.04 18.67
CA THR A 18 -7.38 -0.48 18.80
C THR A 18 -8.06 -0.91 17.52
N ALA A 19 -7.53 -0.54 16.37
CA ALA A 19 -8.26 -0.73 15.15
C ALA A 19 -8.45 -2.21 14.85
N LEU A 20 -7.45 -3.07 14.98
CA LEU A 20 -7.69 -4.50 14.72
C LEU A 20 -8.67 -5.11 15.78
N THR A 21 -8.65 -4.62 17.00
CA THR A 21 -9.61 -5.10 18.00
C THR A 21 -11.04 -4.60 17.69
N GLU A 22 -11.18 -3.29 17.55
CA GLU A 22 -12.44 -2.65 17.20
C GLU A 22 -13.12 -3.23 15.92
N LEU A 23 -12.36 -3.58 14.89
CA LEU A 23 -12.97 -4.08 13.68
C LEU A 23 -13.24 -5.56 13.74
N TYR A 24 -12.26 -6.31 14.23
CA TYR A 24 -12.23 -7.74 14.05
C TYR A 24 -12.18 -8.56 15.31
N GLY A 25 -12.14 -7.89 16.48
CA GLY A 25 -12.15 -8.54 17.78
C GLY A 25 -10.83 -9.21 18.13
N ILE A 26 -9.79 -8.80 17.42
CA ILE A 26 -8.46 -9.35 17.61
C ILE A 26 -7.92 -8.84 18.96
N ALA A 27 -7.51 -9.77 19.82
CA ALA A 27 -7.19 -9.45 21.19
C ALA A 27 -5.87 -8.68 21.28
N ASN A 28 -5.84 -7.70 22.19
CA ASN A 28 -4.65 -6.90 22.44
C ASN A 28 -4.61 -6.30 23.87
N PRO A 29 -4.53 -7.15 24.91
CA PRO A 29 -4.68 -6.71 26.31
C PRO A 29 -3.52 -5.92 26.88
N GLN A 30 -2.36 -6.02 26.22
CA GLN A 30 -1.23 -5.17 26.57
C GLN A 30 -1.06 -3.99 25.66
N GLN A 31 -2.05 -3.77 24.80
CA GLN A 31 -2.18 -2.54 24.03
C GLN A 31 -0.93 -2.21 23.23
N GLN A 32 -0.41 -3.18 22.47
CA GLN A 32 0.66 -2.87 21.54
C GLN A 32 0.13 -2.18 20.31
N PRO A 33 0.95 -1.33 19.69
CA PRO A 33 0.55 -0.87 18.38
C PRO A 33 0.48 -2.07 17.45
N MET A 34 -0.61 -2.19 16.71
CA MET A 34 -0.81 -3.29 15.77
C MET A 34 -0.90 -2.70 14.37
N ALA A 35 0.21 -2.78 13.65
CA ALA A 35 0.41 -2.01 12.41
C ALA A 35 -0.02 -2.74 11.12
N GLU A 36 0.37 -4.00 11.01
CA GLU A 36 0.08 -4.80 9.84
C GLU A 36 -0.35 -6.21 10.20
N LEU A 37 -1.39 -6.72 9.58
CA LEU A 37 -1.72 -8.10 9.71
C LEU A 37 -1.35 -8.75 8.44
N TRP A 38 -0.47 -9.75 8.50
CA TRP A 38 0.13 -10.37 7.30
C TRP A 38 -0.53 -11.67 6.99
N MET A 39 -0.95 -11.79 5.73
CA MET A 39 -1.59 -12.96 5.14
C MET A 39 -0.73 -13.35 3.95
N GLY A 40 0.06 -14.40 4.13
CA GLY A 40 0.82 -14.97 3.04
C GLY A 40 1.93 -15.80 3.62
N ALA A 41 3.04 -15.82 2.90
CA ALA A 41 4.07 -16.75 3.16
C ALA A 41 5.40 -16.02 3.04
N HIS A 42 5.53 -14.95 3.78
CA HIS A 42 6.77 -14.19 3.83
C HIS A 42 7.78 -15.03 4.58
N PRO A 43 9.05 -15.06 4.11
CA PRO A 43 10.09 -15.85 4.80
C PRO A 43 10.34 -15.48 6.28
N LYS A 44 10.09 -14.23 6.65
CA LYS A 44 10.31 -13.74 8.02
C LYS A 44 9.09 -13.96 8.91
N SER A 45 7.90 -14.12 8.33
CA SER A 45 6.72 -14.29 9.17
C SER A 45 5.55 -14.92 8.42
N SER A 46 5.74 -16.15 7.96
CA SER A 46 4.70 -16.81 7.16
C SER A 46 3.45 -16.98 7.99
N SER A 47 2.30 -16.70 7.39
CA SER A 47 1.05 -17.24 7.96
C SER A 47 1.19 -18.77 8.21
N ARG A 48 0.38 -19.32 9.11
CA ARG A 48 0.47 -20.77 9.39
C ARG A 48 -0.90 -21.43 9.21
N ILE A 49 -0.90 -22.73 8.95
CA ILE A 49 -2.13 -23.52 8.88
C ILE A 49 -2.06 -24.73 9.82
N THR A 50 -3.22 -25.28 10.18
CA THR A 50 -3.31 -26.32 11.23
C THR A 50 -3.42 -27.74 10.67
N THR A 56 0.30 -27.43 13.91
CA THR A 56 0.41 -26.24 13.08
C THR A 56 1.72 -26.20 12.24
N VAL A 57 1.65 -25.64 11.02
CA VAL A 57 2.79 -25.61 10.11
C VAL A 57 2.84 -24.33 9.31
N SER A 58 4.05 -23.94 8.94
CA SER A 58 4.24 -22.81 8.05
C SER A 58 3.52 -22.99 6.71
N LEU A 59 2.66 -22.02 6.36
CA LEU A 59 2.10 -21.92 5.01
C LEU A 59 3.22 -21.86 3.96
N ARG A 60 4.24 -21.04 4.19
CA ARG A 60 5.37 -21.03 3.27
C ARG A 60 5.99 -22.43 3.02
N ASP A 61 6.01 -23.27 4.07
CA ASP A 61 6.57 -24.62 3.97
C ASP A 61 5.64 -25.57 3.24
N ALA A 62 4.34 -25.47 3.52
CA ALA A 62 3.32 -26.26 2.81
C ALA A 62 3.37 -25.98 1.32
N ILE A 63 3.68 -24.74 0.93
CA ILE A 63 3.81 -24.38 -0.46
C ILE A 63 5.06 -25.06 -1.03
N GLU A 64 6.23 -24.86 -0.43
CA GLU A 64 7.46 -25.41 -1.04
C GLU A 64 7.43 -26.94 -1.08
N LYS A 65 6.69 -27.56 -0.16
CA LYS A 65 6.53 -29.02 -0.18
C LYS A 65 5.73 -29.48 -1.41
N ASN A 66 4.78 -28.66 -1.90
CA ASN A 66 4.09 -28.95 -3.17
C ASN A 66 3.61 -27.75 -3.99
N LYS A 67 4.54 -27.17 -4.75
CA LYS A 67 4.29 -25.95 -5.50
C LYS A 67 3.13 -26.02 -6.50
N THR A 68 3.14 -27.05 -7.35
CA THR A 68 2.12 -27.22 -8.37
C THR A 68 0.71 -27.31 -7.75
N ALA A 69 0.55 -28.16 -6.77
CA ALA A 69 -0.78 -28.37 -6.21
C ALA A 69 -1.33 -27.13 -5.50
N MET A 70 -0.45 -26.36 -4.89
CA MET A 70 -0.86 -25.27 -4.01
C MET A 70 -1.04 -23.98 -4.77
N LEU A 71 -0.07 -23.66 -5.64
CA LEU A 71 -0.06 -22.47 -6.50
C LEU A 71 -0.77 -22.63 -7.85
N GLY A 72 -0.86 -23.86 -8.34
CA GLY A 72 -1.29 -24.13 -9.71
C GLY A 72 -0.07 -24.02 -10.61
N GLU A 73 -0.16 -24.60 -11.80
CA GLU A 73 1.01 -24.70 -12.67
C GLU A 73 1.45 -23.38 -13.28
N ALA A 74 0.54 -22.45 -13.55
CA ALA A 74 0.95 -21.22 -14.18
C ALA A 74 1.71 -20.36 -13.20
N VAL A 75 1.26 -20.37 -11.96
CA VAL A 75 1.91 -19.59 -10.93
C VAL A 75 3.27 -20.21 -10.56
N ALA A 76 3.29 -21.52 -10.36
CA ALA A 76 4.53 -22.18 -9.97
C ALA A 76 5.60 -22.08 -11.09
N ASN A 77 5.18 -22.08 -12.35
CA ASN A 77 6.10 -21.96 -13.50
C ASN A 77 6.48 -20.51 -13.83
N ARG A 78 5.65 -19.55 -13.42
CA ARG A 78 5.95 -18.14 -13.65
C ARG A 78 6.72 -17.55 -12.47
N PHE A 79 6.31 -17.87 -11.24
CA PHE A 79 6.87 -17.20 -10.04
C PHE A 79 7.70 -18.12 -9.13
N GLY A 80 7.28 -19.40 -9.04
CA GLY A 80 7.98 -20.38 -8.23
C GLY A 80 7.77 -20.23 -6.73
N GLU A 81 6.71 -19.50 -6.35
CA GLU A 81 6.36 -19.24 -4.97
C GLU A 81 5.03 -18.45 -4.96
N LEU A 82 4.43 -18.20 -3.80
CA LEU A 82 3.26 -17.34 -3.76
C LEU A 82 3.75 -15.95 -4.13
N PRO A 83 3.25 -15.36 -5.22
CA PRO A 83 3.84 -14.12 -5.72
C PRO A 83 3.38 -12.80 -5.07
N PHE A 84 2.67 -12.85 -3.94
CA PHE A 84 2.18 -11.62 -3.29
C PHE A 84 2.16 -11.77 -1.80
N LEU A 85 1.99 -10.62 -1.13
CA LEU A 85 1.74 -10.58 0.29
C LEU A 85 0.53 -9.67 0.44
N PHE A 86 -0.37 -10.11 1.33
CA PHE A 86 -1.68 -9.47 1.55
C PHE A 86 -1.70 -9.06 3.02
N LYS A 87 -2.03 -7.79 3.25
CA LYS A 87 -1.97 -7.16 4.56
C LYS A 87 -3.26 -6.43 4.88
N VAL A 88 -3.61 -6.35 6.15
CA VAL A 88 -4.47 -5.29 6.59
C VAL A 88 -3.49 -4.30 7.16
N LEU A 89 -3.59 -3.05 6.76
CA LEU A 89 -2.67 -2.01 7.31
C LEU A 89 -3.46 -1.07 8.26
N CYS A 90 -2.98 -0.84 9.48
CA CYS A 90 -3.66 0.09 10.38
C CYS A 90 -2.78 1.26 10.77
N ALA A 91 -2.79 2.29 9.93
CA ALA A 91 -1.99 3.50 10.18
C ALA A 91 -2.65 4.46 11.16
N ALA A 92 -2.24 4.43 12.42
CA ALA A 92 -2.61 5.50 13.40
C ALA A 92 -1.67 6.72 13.31
N GLN A 93 -0.59 6.62 12.54
CA GLN A 93 0.26 7.78 12.26
C GLN A 93 0.50 7.84 10.78
N PRO A 94 0.78 9.06 10.23
CA PRO A 94 1.22 9.09 8.85
C PRO A 94 2.58 8.40 8.72
N LEU A 95 2.73 7.65 7.63
CA LEU A 95 3.95 6.95 7.28
C LEU A 95 4.78 7.75 6.27
N SER A 96 5.96 7.23 5.92
CA SER A 96 6.85 7.92 5.02
C SER A 96 6.35 7.88 3.59
N ILE A 97 6.76 8.91 2.84
CA ILE A 97 6.57 8.96 1.43
C ILE A 97 7.58 8.02 0.83
N GLN A 98 7.12 7.29 -0.17
CA GLN A 98 7.85 6.16 -0.78
C GLN A 98 7.70 6.14 -2.28
N VAL A 99 8.74 5.70 -2.96
CA VAL A 99 8.75 5.50 -4.39
C VAL A 99 9.28 4.09 -4.65
N HIS A 100 8.67 3.38 -5.57
CA HIS A 100 9.17 2.07 -5.90
C HIS A 100 9.84 2.16 -7.24
N PRO A 101 11.14 1.93 -7.28
CA PRO A 101 11.78 1.99 -8.56
C PRO A 101 11.21 0.90 -9.50
N ASN A 102 11.40 1.01 -10.80
CA ASN A 102 10.91 -0.06 -11.66
C ASN A 102 11.79 -1.31 -11.59
N LYS A 103 11.37 -2.35 -12.32
CA LYS A 103 12.13 -3.62 -12.50
C LYS A 103 13.62 -3.41 -12.88
N ARG A 104 13.88 -2.73 -14.00
CA ARG A 104 15.26 -2.46 -14.45
C ARG A 104 16.11 -1.87 -13.33
N ASN A 105 15.62 -0.79 -12.74
CA ASN A 105 16.39 -0.04 -11.77
C ASN A 105 16.52 -0.72 -10.42
N SER A 106 15.58 -1.60 -10.06
CA SER A 106 15.70 -2.41 -8.83
C SER A 106 16.80 -3.43 -9.01
N GLU A 107 16.95 -3.96 -10.24
CA GLU A 107 18.03 -4.93 -10.56
C GLU A 107 19.38 -4.25 -10.39
N ILE A 108 19.51 -3.09 -11.03
CA ILE A 108 20.71 -2.27 -10.98
C ILE A 108 21.02 -1.91 -9.53
N GLY A 109 20.02 -1.39 -8.84
CA GLY A 109 20.15 -1.04 -7.43
C GLY A 109 20.59 -2.17 -6.51
N PHE A 110 19.94 -3.33 -6.58
CA PHE A 110 20.38 -4.45 -5.76
C PHE A 110 21.84 -4.75 -6.08
N ALA A 111 22.15 -4.89 -7.35
CA ALA A 111 23.50 -5.26 -7.77
C ALA A 111 24.56 -4.26 -7.30
N LYS A 112 24.21 -2.97 -7.38
CA LYS A 112 25.17 -1.88 -7.08
C LYS A 112 25.47 -1.82 -5.60
N GLU A 113 24.46 -1.99 -4.77
CA GLU A 113 24.68 -2.01 -3.33
C GLU A 113 25.62 -3.14 -2.91
N ASN A 114 25.40 -4.36 -3.43
CA ASN A 114 26.26 -5.53 -3.12
C ASN A 114 27.79 -5.28 -3.13
N ALA A 115 28.29 -4.53 -4.11
CA ALA A 115 29.63 -4.00 -4.05
C ALA A 115 29.74 -2.90 -2.97
N PRO A 119 27.84 -3.25 2.04
CA PRO A 119 26.77 -2.88 2.96
C PRO A 119 25.58 -3.81 2.79
N MET A 120 24.80 -4.05 3.85
CA MET A 120 23.50 -4.74 3.70
C MET A 120 22.42 -4.15 4.64
N ASP A 121 21.33 -4.91 4.88
CA ASP A 121 20.22 -4.48 5.73
C ASP A 121 20.64 -4.36 7.18
N ARG A 125 20.21 -0.01 3.62
CA ARG A 125 20.21 -0.32 2.19
C ARG A 125 18.78 -0.27 1.64
N ASN A 126 18.63 0.29 0.44
CA ASN A 126 17.32 0.52 -0.18
C ASN A 126 16.87 -0.54 -1.17
N TYR A 127 17.85 -1.27 -1.70
CA TYR A 127 17.62 -2.39 -2.60
C TYR A 127 18.05 -3.61 -1.83
N LYS A 128 17.09 -4.15 -1.08
CA LYS A 128 17.30 -5.35 -0.28
C LYS A 128 17.13 -6.58 -1.16
N ASP A 129 16.83 -6.35 -2.43
CA ASP A 129 15.96 -7.23 -3.16
C ASP A 129 15.95 -6.69 -4.63
N PRO A 130 16.16 -7.55 -5.65
CA PRO A 130 16.11 -7.03 -7.02
C PRO A 130 14.73 -7.10 -7.71
N ASN A 131 13.67 -7.17 -6.91
CA ASN A 131 12.32 -7.32 -7.43
C ASN A 131 11.60 -5.99 -7.49
N HIS A 132 10.64 -5.86 -8.39
CA HIS A 132 9.80 -4.68 -8.41
C HIS A 132 8.55 -4.86 -7.53
N ALA A 133 7.94 -3.75 -7.16
CA ALA A 133 7.07 -3.70 -5.98
C ALA A 133 5.71 -3.07 -6.28
N PRO A 134 4.98 -3.58 -7.28
CA PRO A 134 3.64 -3.05 -7.52
C PRO A 134 2.75 -3.21 -6.30
N GLU A 135 1.77 -2.34 -6.15
CA GLU A 135 0.94 -2.31 -4.93
C GLU A 135 -0.43 -1.78 -5.22
N LEU A 136 -1.40 -2.33 -4.52
CA LEU A 136 -2.74 -1.88 -4.61
C LEU A 136 -3.12 -1.62 -3.21
N VAL A 137 -3.87 -0.55 -2.94
CA VAL A 137 -4.46 -0.37 -1.60
C VAL A 137 -5.98 -0.29 -1.67
N PHE A 138 -6.68 -0.86 -0.68
CA PHE A 138 -8.16 -0.96 -0.71
C PHE A 138 -8.71 -0.45 0.60
N ALA A 139 -9.57 0.58 0.59
CA ALA A 139 -9.92 1.23 1.83
C ALA A 139 -10.93 0.36 2.60
N LEU A 140 -10.61 0.03 3.83
CA LEU A 140 -11.58 -0.60 4.73
C LEU A 140 -12.29 0.46 5.60
N THR A 141 -11.55 1.49 6.03
CA THR A 141 -12.13 2.68 6.70
C THR A 141 -11.67 3.91 5.90
N PRO A 142 -12.30 5.08 6.12
CA PRO A 142 -11.82 6.28 5.39
C PRO A 142 -10.30 6.39 5.37
N PHE A 143 -9.67 6.34 4.20
CA PHE A 143 -8.22 6.12 4.13
C PHE A 143 -7.52 7.31 3.43
N LEU A 144 -6.65 8.01 4.13
CA LEU A 144 -6.17 9.30 3.63
C LEU A 144 -4.83 9.02 3.10
N ALA A 145 -4.49 9.55 1.95
CA ALA A 145 -3.21 9.14 1.34
C ALA A 145 -2.70 10.20 0.39
N MET A 146 -1.44 10.04 -0.01
CA MET A 146 -0.91 10.74 -1.13
C MET A 146 -0.55 9.77 -2.24
N ASN A 147 -0.84 10.16 -3.48
CA ASN A 147 -0.48 9.38 -4.65
C ASN A 147 -0.22 10.31 -5.88
N ALA A 148 1.06 10.41 -6.27
CA ALA A 148 1.49 11.00 -7.53
C ALA A 148 1.40 12.51 -7.55
N PHE A 149 2.19 13.09 -8.44
CA PHE A 149 2.16 14.52 -8.62
C PHE A 149 0.83 15.04 -9.13
N ARG A 150 0.40 16.14 -8.52
CA ARG A 150 -0.73 16.90 -9.02
C ARG A 150 -0.44 17.51 -10.38
N GLU A 151 -1.48 18.11 -10.94
CA GLU A 151 -1.42 18.84 -12.22
C GLU A 151 -0.54 20.09 -12.03
N PHE A 152 0.35 20.38 -12.98
CA PHE A 152 1.22 21.57 -12.85
C PHE A 152 0.48 22.85 -12.33
N SER A 153 -0.71 23.11 -12.87
CA SER A 153 -1.49 24.31 -12.51
C SER A 153 -1.97 24.29 -11.06
N ASP A 154 -2.25 23.10 -10.53
CA ASP A 154 -2.64 23.03 -9.13
C ASP A 154 -1.42 23.10 -8.22
N ILE A 155 -0.31 22.51 -8.65
CA ILE A 155 0.93 22.72 -7.94
C ILE A 155 1.19 24.27 -7.82
N VAL A 156 1.03 25.02 -8.92
CA VAL A 156 1.27 26.47 -8.86
C VAL A 156 0.37 27.18 -7.85
N SER A 157 -0.92 26.85 -7.84
CA SER A 157 -1.87 27.55 -6.98
C SER A 157 -1.59 27.32 -5.52
N LEU A 158 -1.14 26.09 -5.21
CA LEU A 158 -0.89 25.68 -3.84
C LEU A 158 0.42 26.22 -3.29
N LEU A 159 1.35 26.54 -4.18
CA LEU A 159 2.66 27.04 -3.78
C LEU A 159 2.67 28.54 -3.58
N GLN A 160 1.74 29.25 -4.20
CA GLN A 160 1.74 30.73 -4.15
C GLN A 160 1.58 31.31 -2.75
N PRO A 161 0.78 30.68 -1.89
CA PRO A 161 0.72 31.15 -0.49
C PRO A 161 2.03 30.97 0.27
N VAL A 162 2.91 30.11 -0.24
CA VAL A 162 4.19 29.84 0.42
C VAL A 162 5.37 30.14 -0.49
N ALA A 163 5.14 30.88 -1.58
CA ALA A 163 6.20 31.09 -2.59
C ALA A 163 7.49 31.64 -2.00
N GLY A 164 7.40 32.56 -1.04
CA GLY A 164 8.61 33.03 -0.33
C GLY A 164 9.32 32.00 0.54
N ALA A 165 8.88 30.74 0.48
CA ALA A 165 9.43 29.70 1.36
C ALA A 165 10.84 29.31 0.98
N HIS A 166 11.11 29.29 -0.32
CA HIS A 166 12.38 28.82 -0.85
C HIS A 166 12.52 29.21 -2.30
N SER A 167 13.75 29.62 -2.64
CA SER A 167 14.16 30.00 -3.99
C SER A 167 13.66 29.10 -5.13
N ALA A 168 13.91 27.81 -5.01
CA ALA A 168 13.33 26.78 -5.90
C ALA A 168 11.80 26.83 -6.14
N ILE A 169 11.01 27.26 -5.15
CA ILE A 169 9.57 27.41 -5.35
C ILE A 169 9.32 28.55 -6.26
N ALA A 170 10.04 29.65 -6.05
CA ALA A 170 9.90 30.79 -6.92
C ALA A 170 10.26 30.39 -8.34
N HIS A 171 11.35 29.64 -8.48
CA HIS A 171 11.86 29.23 -9.79
C HIS A 171 10.83 28.38 -10.52
N PHE A 172 10.21 27.46 -9.80
CA PHE A 172 9.11 26.67 -10.35
C PHE A 172 7.92 27.52 -10.82
N LEU A 173 7.44 28.37 -9.94
CA LEU A 173 6.25 29.16 -10.26
C LEU A 173 6.50 29.99 -11.51
N GLN A 174 7.69 30.56 -11.62
CA GLN A 174 8.00 31.33 -12.83
C GLN A 174 7.89 30.47 -14.12
N VAL A 175 8.33 29.21 -14.07
CA VAL A 175 8.25 28.34 -15.26
C VAL A 175 7.75 26.93 -14.89
N PRO A 176 6.43 26.73 -14.76
CA PRO A 176 5.93 25.49 -14.15
C PRO A 176 6.13 24.21 -14.98
N ASN A 177 7.39 23.77 -15.12
CA ASN A 177 7.66 22.56 -15.90
C ASN A 177 8.17 21.36 -15.06
N ALA A 178 8.38 20.24 -15.76
CA ALA A 178 8.86 19.01 -15.14
C ALA A 178 10.28 19.13 -14.56
N GLU A 179 11.14 19.92 -15.21
CA GLU A 179 12.52 20.10 -14.72
C GLU A 179 12.50 20.81 -13.39
N ARG A 180 11.74 21.89 -13.33
CA ARG A 180 11.62 22.71 -12.13
C ARG A 180 10.97 21.92 -11.01
N LEU A 181 9.86 21.25 -11.30
CA LEU A 181 9.28 20.33 -10.30
C LEU A 181 10.35 19.36 -9.77
N SER A 182 11.13 18.77 -10.67
CA SER A 182 12.21 17.87 -10.28
C SER A 182 13.28 18.57 -9.43
N GLN A 183 13.71 19.73 -9.90
CA GLN A 183 14.64 20.51 -9.11
C GLN A 183 14.05 20.83 -7.77
N LEU A 184 12.78 21.18 -7.77
CA LEU A 184 12.08 21.59 -6.56
C LEU A 184 11.96 20.46 -5.55
N PHE A 185 11.44 19.34 -6.01
CA PHE A 185 11.46 18.10 -5.25
C PHE A 185 12.82 17.88 -4.58
N ALA A 186 13.87 17.84 -5.37
CA ALA A 186 15.22 17.60 -4.83
C ALA A 186 15.64 18.68 -3.82
N SER A 187 15.44 19.93 -4.23
CA SER A 187 15.75 21.11 -3.44
C SER A 187 15.08 21.06 -2.09
N LEU A 188 13.80 20.69 -2.07
CA LEU A 188 13.07 20.62 -0.79
C LEU A 188 13.61 19.59 0.20
N LEU A 189 13.98 18.42 -0.31
CA LEU A 189 14.52 17.35 0.53
C LEU A 189 15.94 17.64 1.00
N ASN A 190 16.65 18.48 0.28
CA ASN A 190 18.02 18.82 0.60
C ASN A 190 18.10 20.16 1.33
N MET A 191 16.96 20.71 1.77
CA MET A 191 17.02 21.88 2.68
C MET A 191 17.73 21.54 3.99
N GLN A 192 18.60 22.45 4.39
CA GLN A 192 19.45 22.30 5.55
C GLN A 192 19.43 23.55 6.46
N GLY A 193 19.41 23.29 7.78
CA GLY A 193 19.54 24.34 8.80
C GLY A 193 18.49 25.41 8.62
N GLU A 194 18.93 26.67 8.49
CA GLU A 194 18.00 27.81 8.39
C GLU A 194 17.36 28.01 7.02
N GLU A 195 17.98 27.48 5.98
CA GLU A 195 17.33 27.39 4.68
C GLU A 195 15.98 26.72 4.91
N LYS A 196 16.05 25.56 5.57
CA LYS A 196 14.93 24.74 5.94
C LYS A 196 13.90 25.40 6.88
N SER A 197 14.41 26.25 7.77
CA SER A 197 13.58 26.89 8.77
C SER A 197 12.84 28.05 8.16
N ARG A 198 13.54 28.89 7.41
CA ARG A 198 12.82 29.91 6.64
C ARG A 198 11.67 29.21 5.91
N ALA A 199 11.93 28.02 5.36
CA ALA A 199 10.91 27.31 4.59
C ALA A 199 9.71 26.82 5.43
N LEU A 200 9.98 26.10 6.50
CA LEU A 200 8.93 25.65 7.37
C LEU A 200 8.13 26.84 7.91
N ALA A 201 8.83 27.88 8.38
CA ALA A 201 8.18 29.11 8.91
C ALA A 201 7.20 29.70 7.91
N VAL A 202 7.65 29.93 6.68
CA VAL A 202 6.70 30.34 5.65
C VAL A 202 5.51 29.36 5.58
N LEU A 203 5.77 28.05 5.67
CA LEU A 203 4.71 27.06 5.58
C LEU A 203 3.85 27.01 6.86
N LYS A 204 4.49 26.91 8.05
CA LYS A 204 3.81 26.56 9.29
C LYS A 204 3.10 27.78 9.92
N ALA A 205 3.68 28.95 9.71
CA ALA A 205 2.97 30.17 9.97
C ALA A 205 1.79 30.34 8.99
N ALA A 206 1.96 29.90 7.73
CA ALA A 206 0.93 30.11 6.71
C ALA A 206 -0.16 29.01 6.69
N LEU A 207 0.03 27.99 7.51
CA LEU A 207 -1.08 27.08 7.79
C LEU A 207 -2.21 27.88 8.46
N ASN A 208 -1.84 28.93 9.20
CA ASN A 208 -2.80 29.74 9.96
C ASN A 208 -3.71 30.67 9.16
N SER A 209 -3.38 30.97 7.90
CA SER A 209 -4.20 31.85 7.04
C SER A 209 -4.68 31.22 5.71
N GLN A 210 -4.72 29.89 5.70
CA GLN A 210 -5.25 29.09 4.61
C GLN A 210 -6.33 28.14 5.17
N GLN A 211 -7.24 27.65 4.32
CA GLN A 211 -8.36 26.76 4.81
C GLN A 211 -8.50 25.52 3.98
N GLY A 212 -8.92 24.42 4.60
CA GLY A 212 -9.33 23.23 3.85
C GLY A 212 -8.16 22.37 3.47
N GLU A 213 -8.28 21.65 2.37
CA GLU A 213 -7.17 20.82 1.90
C GLU A 213 -6.43 21.55 0.79
N PRO A 214 -5.14 21.23 0.59
CA PRO A 214 -4.36 20.21 1.31
C PRO A 214 -3.75 20.67 2.64
N TRP A 215 -4.12 21.84 3.13
CA TRP A 215 -3.50 22.43 4.32
C TRP A 215 -3.82 21.64 5.56
N GLN A 216 -5.02 21.08 5.62
CA GLN A 216 -5.47 20.36 6.80
C GLN A 216 -4.66 19.08 6.93
N THR A 217 -4.49 18.40 5.81
CA THR A 217 -3.60 17.24 5.73
C THR A 217 -2.17 17.59 6.25
N ILE A 218 -1.58 18.68 5.75
CA ILE A 218 -0.27 19.13 6.25
C ILE A 218 -0.27 19.25 7.74
N ARG A 219 -1.33 19.86 8.27
CA ARG A 219 -1.50 20.06 9.69
C ARG A 219 -1.59 18.68 10.40
N VAL A 220 -2.31 17.73 9.81
CA VAL A 220 -2.34 16.34 10.32
C VAL A 220 -0.91 15.75 10.39
N ILE A 221 -0.13 15.94 9.33
CA ILE A 221 1.25 15.41 9.33
C ILE A 221 2.20 16.13 10.32
N SER A 222 2.09 17.44 10.44
CA SER A 222 2.99 18.24 11.30
C SER A 222 2.97 17.82 12.77
N GLU A 223 1.89 17.17 13.20
CA GLU A 223 1.83 16.60 14.54
C GLU A 223 2.92 15.55 14.70
N TYR A 224 3.07 14.70 13.69
CA TYR A 224 4.06 13.63 13.75
C TYR A 224 5.41 14.00 13.13
N TYR A 225 5.43 15.01 12.28
CA TYR A 225 6.65 15.43 11.58
C TYR A 225 6.81 16.95 11.54
N PRO A 226 6.98 17.58 12.72
CA PRO A 226 7.10 19.03 12.71
C PRO A 226 8.29 19.52 11.89
N ASP A 227 9.43 18.85 11.99
CA ASP A 227 10.65 19.34 11.34
C ASP A 227 10.99 18.57 10.07
N ASP A 228 10.00 18.28 9.21
CA ASP A 228 10.26 17.51 7.98
C ASP A 228 9.86 18.24 6.69
N SER A 229 10.72 18.20 5.66
CA SER A 229 10.43 18.85 4.34
C SER A 229 9.30 18.21 3.58
N GLY A 230 8.94 16.98 3.93
CA GLY A 230 7.76 16.32 3.38
C GLY A 230 6.46 16.96 3.84
N LEU A 231 6.52 17.92 4.74
CA LEU A 231 5.34 18.72 5.04
C LEU A 231 4.92 19.53 3.80
N PHE A 232 5.86 19.75 2.88
CA PHE A 232 5.52 20.39 1.59
C PHE A 232 4.90 19.51 0.52
N SER A 233 5.00 18.21 0.68
CA SER A 233 4.52 17.27 -0.32
C SER A 233 3.04 17.28 -0.72
N PRO A 234 2.14 17.57 0.24
CA PRO A 234 0.75 17.66 -0.15
C PRO A 234 0.45 18.80 -1.12
N LEU A 235 1.41 19.71 -1.34
CA LEU A 235 1.29 20.75 -2.35
C LEU A 235 1.75 20.22 -3.67
N LEU A 236 2.66 19.25 -3.64
CA LEU A 236 3.15 18.58 -4.86
C LEU A 236 2.32 17.35 -5.29
N LEU A 237 1.74 16.67 -4.31
CA LEU A 237 1.16 15.34 -4.55
C LEU A 237 -0.34 15.36 -4.30
N ASN A 238 -1.06 14.61 -5.12
CA ASN A 238 -2.49 14.46 -4.94
C ASN A 238 -2.78 13.85 -3.60
N VAL A 239 -3.46 14.60 -2.75
CA VAL A 239 -4.05 14.07 -1.52
C VAL A 239 -5.40 13.40 -1.81
N VAL A 240 -5.56 12.16 -1.36
CA VAL A 240 -6.88 11.53 -1.53
C VAL A 240 -7.35 10.91 -0.27
N LYS A 241 -8.66 10.99 -0.08
CA LYS A 241 -9.35 10.27 0.95
C LYS A 241 -10.13 9.21 0.24
N LEU A 242 -9.66 7.98 0.36
CA LEU A 242 -10.41 6.86 -0.20
C LEU A 242 -11.58 6.51 0.73
N ASN A 243 -12.77 6.42 0.15
CA ASN A 243 -13.90 5.90 0.90
C ASN A 243 -13.77 4.38 1.06
N PRO A 244 -14.38 3.81 2.08
CA PRO A 244 -14.45 2.36 2.20
C PRO A 244 -14.81 1.67 0.87
N GLY A 245 -14.01 0.69 0.42
CA GLY A 245 -14.32 -0.03 -0.81
C GLY A 245 -13.79 0.57 -2.11
N GLU A 246 -13.12 1.72 -2.03
CA GLU A 246 -12.42 2.27 -3.18
C GLU A 246 -11.02 1.78 -3.13
N ALA A 247 -10.35 1.78 -4.28
CA ALA A 247 -8.95 1.35 -4.31
C ALA A 247 -8.07 2.13 -5.29
N MET A 248 -6.76 2.01 -5.08
CA MET A 248 -5.72 2.69 -5.90
C MET A 248 -4.56 1.78 -6.08
N PHE A 249 -4.03 1.83 -7.29
CA PHE A 249 -2.79 1.18 -7.62
C PHE A 249 -1.62 2.15 -7.58
N LEU A 250 -0.54 1.71 -6.94
CA LEU A 250 0.64 2.51 -6.78
C LEU A 250 1.70 2.11 -7.79
N PHE A 251 1.83 2.94 -8.81
CA PHE A 251 2.74 2.65 -9.91
C PHE A 251 4.19 2.88 -9.49
N ALA A 252 5.09 2.48 -10.37
CA ALA A 252 6.51 2.67 -10.17
C ALA A 252 6.81 4.12 -10.37
N GLU A 253 7.93 4.58 -9.80
CA GLU A 253 8.42 5.98 -9.96
C GLU A 253 7.48 7.08 -9.49
N THR A 254 6.57 6.74 -8.61
CA THR A 254 5.49 7.65 -8.25
C THR A 254 5.45 7.75 -6.74
N PRO A 255 5.83 8.92 -6.21
CA PRO A 255 5.74 9.20 -4.78
C PRO A 255 4.35 8.94 -4.24
N HIS A 256 4.26 8.26 -3.13
CA HIS A 256 2.98 8.06 -2.45
C HIS A 256 3.17 7.91 -0.95
N ALA A 257 2.12 8.09 -0.18
CA ALA A 257 2.21 7.86 1.26
C ALA A 257 0.85 7.49 1.80
N TYR A 258 0.87 6.70 2.87
CA TYR A 258 -0.38 6.29 3.54
C TYR A 258 -0.44 7.15 4.77
N LEU A 259 -1.43 8.00 4.87
CA LEU A 259 -1.37 8.97 5.96
C LEU A 259 -2.26 8.61 7.15
N GLN A 260 -3.41 7.99 6.92
CA GLN A 260 -4.37 7.74 7.98
C GLN A 260 -5.42 6.71 7.54
N GLY A 261 -5.70 5.75 8.43
CA GLY A 261 -6.82 4.89 8.27
C GLY A 261 -6.40 3.45 8.12
N VAL A 262 -7.36 2.60 7.77
CA VAL A 262 -7.21 1.18 7.73
C VAL A 262 -7.51 0.69 6.34
N ALA A 263 -6.63 -0.15 5.80
CA ALA A 263 -6.83 -0.63 4.46
C ALA A 263 -6.26 -2.04 4.26
N LEU A 264 -6.76 -2.70 3.22
CA LEU A 264 -6.11 -3.83 2.67
C LEU A 264 -5.03 -3.38 1.70
N GLU A 265 -3.88 -4.03 1.74
CA GLU A 265 -2.78 -3.75 0.83
C GLU A 265 -2.33 -5.04 0.20
N VAL A 266 -2.27 -5.12 -1.11
CA VAL A 266 -1.65 -6.28 -1.74
C VAL A 266 -0.35 -5.82 -2.41
N MET A 267 0.71 -6.58 -2.27
CA MET A 267 1.95 -6.21 -2.95
C MET A 267 2.66 -7.44 -3.53
N ALA A 268 3.50 -7.21 -4.54
CA ALA A 268 4.46 -8.22 -4.96
C ALA A 268 5.45 -8.38 -3.83
N ASN A 269 6.28 -9.41 -3.90
CA ASN A 269 7.31 -9.64 -2.90
C ASN A 269 8.52 -8.83 -3.29
N SER A 270 8.59 -7.64 -2.74
CA SER A 270 9.80 -6.84 -2.71
C SER A 270 9.77 -6.00 -1.46
N ASP A 271 10.92 -5.90 -0.79
CA ASP A 271 11.10 -5.03 0.38
C ASP A 271 11.84 -3.76 -0.04
N ASN A 272 11.93 -3.49 -1.35
CA ASN A 272 12.62 -2.27 -1.80
C ASN A 272 11.79 -1.00 -1.65
N VAL A 273 12.49 0.11 -1.36
CA VAL A 273 11.81 1.37 -1.17
C VAL A 273 12.77 2.55 -1.14
N LEU A 274 12.47 3.61 -1.89
CA LEU A 274 13.20 4.85 -1.74
C LEU A 274 12.26 5.80 -1.01
N ARG A 275 12.76 6.33 0.09
CA ARG A 275 12.01 7.21 0.91
C ARG A 275 12.20 8.62 0.37
N ALA A 276 11.09 9.36 0.40
CA ALA A 276 11.01 10.68 -0.19
C ALA A 276 10.56 11.72 0.83
N GLY A 277 10.65 11.40 2.13
CA GLY A 277 10.23 12.31 3.19
C GLY A 277 9.31 11.64 4.21
N LEU A 278 8.89 12.44 5.19
CA LEU A 278 8.15 11.97 6.37
C LEU A 278 8.91 10.80 7.00
N THR A 279 10.18 11.07 7.28
CA THR A 279 11.08 10.04 7.71
C THR A 279 12.33 10.71 8.24
N PRO A 280 12.89 10.17 9.34
CA PRO A 280 14.19 10.62 9.78
C PRO A 280 15.37 9.98 9.02
N LYS A 281 15.15 8.84 8.36
CA LYS A 281 16.27 8.11 7.75
C LYS A 281 16.95 8.96 6.64
N TYR A 282 18.19 8.64 6.32
CA TYR A 282 18.88 9.32 5.23
C TYR A 282 18.15 9.04 3.89
N ILE A 283 18.14 10.04 3.02
CA ILE A 283 17.51 9.92 1.71
C ILE A 283 18.59 10.25 0.70
N ASP A 284 18.86 9.33 -0.24
CA ASP A 284 19.79 9.58 -1.36
C ASP A 284 18.97 10.23 -2.49
N ILE A 285 19.08 11.55 -2.56
CA ILE A 285 18.23 12.36 -3.38
C ILE A 285 18.58 12.12 -4.84
N PRO A 286 19.88 12.21 -5.22
CA PRO A 286 20.20 11.73 -6.58
C PRO A 286 19.53 10.39 -6.95
N GLU A 287 19.65 9.37 -6.09
CA GLU A 287 19.01 8.05 -6.30
C GLU A 287 17.48 8.20 -6.40
N LEU A 288 16.89 8.90 -5.45
CA LEU A 288 15.46 9.20 -5.55
C LEU A 288 15.05 9.86 -6.87
N VAL A 289 15.75 10.94 -7.23
CA VAL A 289 15.36 11.77 -8.37
C VAL A 289 15.47 11.02 -9.71
N ALA A 290 16.47 10.17 -9.84
CA ALA A 290 16.59 9.33 -11.05
C ALA A 290 15.46 8.29 -11.18
N ASN A 291 14.88 7.88 -10.06
CA ASN A 291 13.79 6.92 -10.02
C ASN A 291 12.40 7.51 -9.85
N VAL A 292 12.25 8.78 -10.17
CA VAL A 292 10.95 9.41 -10.15
C VAL A 292 10.53 10.00 -11.51
N LYS A 293 9.25 9.80 -11.83
CA LYS A 293 8.59 10.29 -13.04
C LYS A 293 7.89 11.62 -12.73
N PHE A 294 8.48 12.75 -13.11
CA PHE A 294 7.87 14.06 -12.84
C PHE A 294 6.77 14.46 -13.85
N GLU A 295 5.70 13.66 -13.93
CA GLU A 295 4.53 13.93 -14.77
C GLU A 295 3.31 14.05 -13.88
N PRO A 296 2.48 15.08 -14.08
CA PRO A 296 1.29 15.11 -13.27
C PRO A 296 0.35 13.98 -13.58
N LYS A 297 -0.50 13.62 -12.63
CA LYS A 297 -1.48 12.56 -12.81
C LYS A 297 -2.82 13.08 -12.32
N PRO A 298 -3.83 13.17 -13.20
CA PRO A 298 -5.08 13.84 -12.82
C PRO A 298 -5.86 13.09 -11.73
N ALA A 299 -6.69 13.81 -10.96
CA ALA A 299 -7.40 13.22 -9.84
C ALA A 299 -8.21 12.00 -10.27
N GLY A 300 -8.96 12.15 -11.37
CA GLY A 300 -9.78 11.03 -11.88
C GLY A 300 -9.09 9.87 -12.57
N GLU A 301 -7.76 9.75 -12.50
CA GLU A 301 -7.09 8.49 -12.91
C GLU A 301 -6.48 7.70 -11.75
N LEU A 302 -6.54 8.28 -10.55
CA LEU A 302 -5.97 7.71 -9.34
C LEU A 302 -6.61 6.42 -8.86
N LEU A 303 -7.93 6.40 -8.77
CA LEU A 303 -8.63 5.22 -8.30
C LEU A 303 -8.69 4.18 -9.39
N THR A 304 -8.73 2.93 -8.96
CA THR A 304 -8.94 1.82 -9.86
C THR A 304 -10.42 1.58 -10.09
N ALA A 305 -10.84 1.58 -11.36
CA ALA A 305 -12.20 1.31 -11.76
C ALA A 305 -12.44 -0.18 -11.76
N PRO A 306 -13.26 -0.68 -10.81
CA PRO A 306 -13.54 -2.13 -10.82
C PRO A 306 -14.62 -2.49 -11.81
N VAL A 307 -14.71 -3.78 -12.11
CA VAL A 307 -15.65 -4.34 -13.05
C VAL A 307 -16.49 -5.35 -12.24
N LYS A 308 -17.79 -5.17 -12.31
CA LYS A 308 -18.71 -6.04 -11.59
C LYS A 308 -19.25 -7.11 -12.53
N SER A 309 -19.02 -8.39 -12.20
CA SER A 309 -19.67 -9.54 -12.90
C SER A 309 -20.33 -10.54 -11.93
N GLY A 310 -21.63 -10.70 -12.00
CA GLY A 310 -22.30 -11.47 -10.99
C GLY A 310 -22.15 -10.79 -9.65
N ALA A 311 -21.79 -11.56 -8.64
CA ALA A 311 -21.44 -11.03 -7.32
C ALA A 311 -19.95 -10.64 -7.13
N GLU A 312 -19.15 -10.77 -8.18
CA GLU A 312 -17.73 -10.53 -8.10
C GLU A 312 -17.39 -9.14 -8.61
N LEU A 313 -16.69 -8.37 -7.80
CA LEU A 313 -16.24 -7.07 -8.19
C LEU A 313 -14.73 -7.12 -8.34
N ASP A 314 -14.26 -7.20 -9.58
CA ASP A 314 -12.83 -7.34 -9.83
C ASP A 314 -12.14 -6.01 -9.98
N PHE A 315 -10.96 -5.86 -9.41
CA PHE A 315 -10.11 -4.65 -9.60
C PHE A 315 -8.93 -5.01 -10.49
N PRO A 316 -8.94 -4.54 -11.73
CA PRO A 316 -7.85 -4.93 -12.62
C PRO A 316 -6.53 -4.28 -12.24
N ILE A 317 -5.53 -5.13 -12.23
CA ILE A 317 -4.18 -4.81 -11.86
C ILE A 317 -3.36 -4.90 -13.18
N PRO A 318 -2.63 -3.84 -13.58
CA PRO A 318 -1.87 -3.88 -14.88
C PRO A 318 -0.58 -4.73 -14.82
N VAL A 319 -0.50 -5.59 -13.81
CA VAL A 319 0.68 -6.38 -13.50
C VAL A 319 0.24 -7.84 -13.17
N ASP A 320 1.07 -8.81 -13.55
CA ASP A 320 0.67 -10.21 -13.52
C ASP A 320 0.73 -10.79 -12.12
N ASP A 321 1.36 -10.07 -11.22
CA ASP A 321 1.75 -10.63 -9.92
C ASP A 321 0.56 -10.93 -8.97
N PHE A 322 -0.60 -10.34 -9.20
CA PHE A 322 -1.74 -10.62 -8.36
C PHE A 322 -2.95 -9.92 -8.93
N ALA A 323 -4.09 -10.34 -8.42
CA ALA A 323 -5.35 -9.85 -8.83
C ALA A 323 -6.16 -9.81 -7.55
N PHE A 324 -7.24 -9.07 -7.59
CA PHE A 324 -7.93 -8.72 -6.35
C PHE A 324 -9.39 -8.53 -6.67
N SER A 325 -10.22 -9.28 -5.98
CA SER A 325 -11.67 -9.17 -6.23
C SER A 325 -12.47 -9.18 -4.90
N LEU A 326 -13.57 -8.47 -4.89
CA LEU A 326 -14.50 -8.51 -3.74
C LEU A 326 -15.70 -9.42 -4.10
N HIS A 327 -16.19 -10.23 -3.16
CA HIS A 327 -17.32 -11.13 -3.43
C HIS A 327 -18.46 -10.90 -2.44
N ASP A 328 -19.60 -10.47 -2.93
CA ASP A 328 -20.79 -10.22 -2.09
C ASP A 328 -21.44 -11.53 -1.75
N LEU A 329 -21.63 -11.82 -0.47
CA LEU A 329 -22.20 -13.09 -0.06
C LEU A 329 -23.71 -13.00 0.00
N ALA A 330 -24.34 -14.06 -0.46
CA ALA A 330 -25.78 -14.21 -0.37
C ALA A 330 -26.02 -15.44 0.50
N LEU A 331 -27.26 -15.64 0.92
CA LEU A 331 -27.62 -16.80 1.72
C LEU A 331 -27.64 -18.05 0.81
N GLN A 332 -27.90 -17.86 -0.48
CA GLN A 332 -27.67 -18.89 -1.50
C GLN A 332 -26.17 -18.91 -1.87
N GLU A 333 -25.58 -20.10 -1.82
CA GLU A 333 -24.18 -20.33 -2.18
C GLU A 333 -23.81 -19.84 -3.58
N THR A 334 -22.60 -19.33 -3.71
CA THR A 334 -21.99 -18.91 -4.96
C THR A 334 -20.70 -19.65 -5.07
N SER A 335 -20.20 -19.77 -6.27
CA SER A 335 -18.95 -20.48 -6.50
C SER A 335 -17.84 -19.45 -6.66
N ILE A 336 -16.75 -19.67 -5.95
CA ILE A 336 -15.53 -18.87 -6.10
C ILE A 336 -14.39 -19.81 -6.50
N GLY A 337 -13.82 -19.55 -7.69
CA GLY A 337 -12.72 -20.35 -8.19
C GLY A 337 -11.70 -19.56 -8.99
N GLN A 338 -10.50 -20.10 -9.07
CA GLN A 338 -9.40 -19.48 -9.72
C GLN A 338 -8.54 -20.59 -10.12
N HIS A 339 -7.63 -20.26 -11.04
CA HIS A 339 -6.64 -21.20 -11.50
C HIS A 339 -5.34 -21.09 -10.72
N SER A 340 -5.41 -20.53 -9.51
CA SER A 340 -4.23 -20.38 -8.65
C SER A 340 -4.58 -20.64 -7.19
N ALA A 341 -3.56 -20.48 -6.34
CA ALA A 341 -3.79 -20.30 -4.89
C ALA A 341 -4.57 -19.02 -4.70
N ALA A 342 -5.43 -19.01 -3.70
CA ALA A 342 -6.11 -17.75 -3.32
C ALA A 342 -6.13 -17.61 -1.81
N ILE A 343 -6.14 -16.35 -1.34
CA ILE A 343 -6.48 -16.05 0.04
C ILE A 343 -7.79 -15.33 0.06
N LEU A 344 -8.72 -15.86 0.86
CA LEU A 344 -10.02 -15.26 1.08
C LEU A 344 -10.04 -14.62 2.46
N PHE A 345 -10.46 -13.38 2.48
CA PHE A 345 -10.44 -12.58 3.70
C PHE A 345 -11.82 -11.97 3.93
N CYS A 346 -12.38 -12.18 5.13
CA CYS A 346 -13.73 -11.69 5.38
C CYS A 346 -13.69 -10.20 5.75
N VAL A 347 -14.30 -9.35 4.95
CA VAL A 347 -14.24 -7.94 5.21
C VAL A 347 -15.30 -7.47 6.26
N GLU A 348 -16.50 -8.03 6.16
CA GLU A 348 -17.63 -7.67 7.01
C GLU A 348 -18.66 -8.80 6.91
N GLY A 349 -19.49 -8.94 7.95
CA GLY A 349 -20.58 -9.90 8.00
C GLY A 349 -20.11 -11.24 8.47
N GLU A 350 -20.33 -12.28 7.68
CA GLU A 350 -19.83 -13.57 8.01
C GLU A 350 -20.02 -14.47 6.81
N ALA A 351 -19.00 -15.31 6.57
CA ALA A 351 -18.92 -16.15 5.39
C ALA A 351 -18.86 -17.59 5.79
N VAL A 352 -19.70 -18.39 5.15
CA VAL A 352 -19.58 -19.80 5.28
C VAL A 352 -18.95 -20.31 3.97
N LEU A 353 -17.73 -20.84 4.09
CA LEU A 353 -17.06 -21.58 3.00
C LEU A 353 -17.34 -23.09 3.07
N ARG A 354 -17.66 -23.69 1.93
CA ARG A 354 -17.90 -25.11 1.81
C ARG A 354 -17.21 -25.73 0.58
N LYS A 355 -16.46 -26.80 0.85
CA LYS A 355 -15.92 -27.63 -0.18
C LYS A 355 -16.34 -29.05 0.21
N ASP A 356 -17.31 -29.61 -0.53
CA ASP A 356 -17.80 -30.96 -0.27
C ASP A 356 -18.38 -31.04 1.15
N GLU A 357 -17.81 -31.91 1.98
CA GLU A 357 -18.24 -32.07 3.35
C GLU A 357 -17.69 -31.00 4.27
N GLN A 358 -16.72 -30.18 3.81
CA GLN A 358 -16.00 -29.30 4.73
C GLN A 358 -16.74 -27.97 4.83
N ARG A 359 -16.88 -27.47 6.04
CA ARG A 359 -17.38 -26.14 6.26
C ARG A 359 -16.39 -25.38 7.11
N LEU A 360 -16.15 -24.13 6.70
CA LEU A 360 -15.25 -23.20 7.35
C LEU A 360 -16.00 -21.89 7.43
N VAL A 361 -16.23 -21.41 8.64
CA VAL A 361 -16.81 -20.12 8.92
C VAL A 361 -15.69 -19.07 9.03
N LEU A 362 -15.80 -17.97 8.28
CA LEU A 362 -14.96 -16.80 8.51
C LEU A 362 -15.72 -15.61 9.08
N LYS A 363 -15.31 -15.16 10.25
CA LYS A 363 -15.78 -13.92 10.85
C LYS A 363 -14.92 -12.80 10.32
N PRO A 364 -15.34 -11.54 10.50
CA PRO A 364 -14.62 -10.44 9.86
C PRO A 364 -13.17 -10.37 10.32
N GLY A 365 -12.25 -10.22 9.38
CA GLY A 365 -10.82 -10.25 9.72
C GLY A 365 -10.15 -11.62 9.71
N GLU A 366 -10.92 -12.67 9.48
CA GLU A 366 -10.39 -14.01 9.38
C GLU A 366 -10.10 -14.33 7.93
N SER A 367 -9.13 -15.19 7.72
CA SER A 367 -8.77 -15.54 6.34
C SER A 367 -8.61 -17.05 6.16
N ALA A 368 -8.71 -17.50 4.91
CA ALA A 368 -8.54 -18.85 4.52
C ALA A 368 -7.63 -18.97 3.30
N PHE A 369 -6.75 -19.95 3.32
CA PHE A 369 -5.91 -20.20 2.16
C PHE A 369 -6.57 -21.32 1.39
N ILE A 370 -6.82 -21.07 0.12
CA ILE A 370 -7.32 -22.08 -0.78
C ILE A 370 -6.28 -22.43 -1.82
N GLY A 371 -5.72 -23.64 -1.73
CA GLY A 371 -4.79 -24.11 -2.77
C GLY A 371 -5.41 -24.33 -4.13
N ALA A 372 -4.58 -24.28 -5.19
CA ALA A 372 -5.02 -24.43 -6.58
C ALA A 372 -5.80 -25.71 -6.81
N ASP A 373 -5.33 -26.81 -6.25
CA ASP A 373 -5.99 -28.14 -6.35
C ASP A 373 -7.26 -28.25 -5.51
N GLU A 374 -7.66 -27.17 -4.83
CA GLU A 374 -8.86 -27.18 -4.04
C GLU A 374 -9.92 -26.21 -4.53
N SER A 375 -9.63 -25.47 -5.59
CA SER A 375 -10.65 -24.66 -6.24
C SER A 375 -11.67 -25.56 -6.96
N PRO A 376 -12.94 -25.14 -7.04
CA PRO A 376 -13.56 -23.95 -6.48
C PRO A 376 -14.10 -24.23 -5.10
N VAL A 377 -14.49 -23.17 -4.38
CA VAL A 377 -15.27 -23.34 -3.15
C VAL A 377 -16.62 -22.62 -3.24
N ASN A 378 -17.56 -23.06 -2.42
CA ASN A 378 -18.85 -22.42 -2.30
C ASN A 378 -18.90 -21.47 -1.10
N ALA A 379 -19.33 -20.25 -1.37
CA ALA A 379 -19.39 -19.23 -0.34
C ALA A 379 -20.81 -18.77 -0.17
N SER A 380 -21.27 -18.64 1.07
CA SER A 380 -22.54 -17.99 1.31
C SER A 380 -22.43 -17.25 2.61
N GLY A 381 -23.46 -16.45 2.95
CA GLY A 381 -23.49 -15.71 4.19
C GLY A 381 -23.93 -14.31 3.95
N THR A 382 -23.39 -13.37 4.71
CA THR A 382 -23.71 -11.95 4.55
C THR A 382 -22.39 -11.19 4.37
N GLY A 383 -22.47 -9.94 3.91
CA GLY A 383 -21.28 -9.10 3.80
C GLY A 383 -20.40 -9.38 2.59
N ARG A 384 -19.10 -9.29 2.74
CA ARG A 384 -18.18 -9.46 1.61
C ARG A 384 -16.87 -10.16 1.97
N LEU A 385 -16.33 -10.82 0.96
CA LEU A 385 -15.06 -11.50 1.05
C LEU A 385 -14.11 -10.89 -0.01
N ALA A 386 -12.91 -10.52 0.41
CA ALA A 386 -11.84 -10.06 -0.49
C ALA A 386 -11.01 -11.24 -0.92
N ARG A 387 -10.62 -11.29 -2.17
CA ARG A 387 -9.78 -12.39 -2.58
C ARG A 387 -8.53 -11.89 -3.27
N VAL A 388 -7.38 -12.43 -2.85
CA VAL A 388 -6.13 -12.26 -3.62
C VAL A 388 -5.78 -13.58 -4.31
N TYR A 389 -5.49 -13.49 -5.58
CA TYR A 389 -5.17 -14.65 -6.38
C TYR A 389 -4.34 -14.17 -7.61
N ASN A 390 -4.19 -15.07 -8.59
CA ASN A 390 -3.61 -14.79 -9.95
C ASN A 390 -4.52 -15.20 -11.10
N LYS A 391 -4.61 -14.30 -12.08
CA LYS A 391 -5.53 -14.47 -13.21
C LYS A 391 -4.97 -15.34 -14.32
N LEU A 392 -3.66 -15.34 -14.48
CA LEU A 392 -3.03 -16.44 -15.22
C LEU A 392 -3.22 -17.74 -14.40
ZN ZN B . 4.13 1.68 -1.39
C1 EDO C . 3.37 3.96 1.43
O1 EDO C . 3.77 2.65 0.94
C2 EDO C . 3.81 4.17 2.88
O2 EDO C . 3.26 5.37 3.40
C1 EDO D . -13.78 4.49 -8.77
O1 EDO D . -14.44 4.14 -9.99
C2 EDO D . -14.13 3.44 -7.72
O2 EDO D . -15.54 3.24 -7.64
C1 EDO E . -5.81 16.63 -4.50
O1 EDO E . -6.14 16.48 -3.11
C2 EDO E . -6.24 15.45 -5.39
O2 EDO E . -5.76 15.69 -6.71
C1 EDO F . 8.65 -0.73 10.53
O1 EDO F . 10.04 -1.00 10.73
C2 EDO F . 8.44 0.43 9.59
O2 EDO F . 7.19 0.23 8.91
#